data_5KIA
#
_entry.id   5KIA
#
_cell.length_a   91.770
_cell.length_b   91.770
_cell.length_c   173.650
_cell.angle_alpha   90.000
_cell.angle_beta   90.000
_cell.angle_gamma   90.000
#
_symmetry.space_group_name_H-M   'I 41 2 2'
#
loop_
_entity.id
_entity.type
_entity.pdbx_description
1 polymer 'L-threonine 3-dehydrogenase'
2 non-polymer 'ZINC ION'
3 non-polymer 'CALCIUM ION'
4 water water
#
_entity_poly.entity_id   1
_entity_poly.type   'polypeptide(L)'
_entity_poly.pdbx_seq_one_letter_code
;MAHHHHHHMKALAKLERGPGLTLTRVKKPEVGHNDVLIKIRRTAICGTDIHIWKWDDWAQKTIPVPMHVGHEYVGEIVEM
GQEVRGFSIGDRVSGEGHITCGFCRNCRAGRRHLCRNTVGVGVNREGAFAEYLAIPAFNAFKIPPEISDDLAAIFDPFGN
ATHTALSFNLVGEDVLITGAGPIGVMAVAIAKHVGARNVVITDINDYRLDLARRMGATRAVNVSRESLRDVMADLHMTEG
FDVGLEMSGVPSAFTSLLESMNHGGKVALLGIPPAQTAIDWNQVIFKGLEIKGIYGREMFETWYKMVAMLQSGLDLSPII
THRFAVDDYEKGFAAMLSGESGKVILDWAAA
;
_entity_poly.pdbx_strand_id   A
#
loop_
_chem_comp.id
_chem_comp.type
_chem_comp.name
_chem_comp.formula
CA non-polymer 'CALCIUM ION' 'Ca 2'
ZN non-polymer 'ZINC ION' 'Zn 2'
#
# COMPACT_ATOMS: atom_id res chain seq x y z
N HIS A 8 30.32 1.97 8.48
CA HIS A 8 29.16 1.25 9.01
C HIS A 8 27.94 2.18 9.17
N MET A 9 26.74 1.59 9.18
CA MET A 9 25.50 2.37 9.23
C MET A 9 24.52 1.75 10.22
N LYS A 10 23.73 2.60 10.87
CA LYS A 10 22.71 2.14 11.80
C LYS A 10 21.54 1.54 11.04
N ALA A 11 20.98 0.45 11.58
CA ALA A 11 19.90 -0.27 10.90
C ALA A 11 19.05 -1.02 11.92
N LEU A 12 17.84 -1.36 11.49
CA LEU A 12 16.88 -2.12 12.28
C LEU A 12 16.78 -3.52 11.71
N ALA A 13 17.29 -4.52 12.44
CA ALA A 13 17.55 -5.84 11.88
C ALA A 13 16.89 -6.94 12.70
N LYS A 14 16.76 -8.11 12.06
CA LYS A 14 16.31 -9.33 12.72
C LYS A 14 17.53 -10.15 13.14
N LEU A 15 18.20 -9.66 14.18
CA LEU A 15 19.49 -10.21 14.57
C LEU A 15 19.35 -11.61 15.17
N GLU A 16 18.33 -11.83 16.00
CA GLU A 16 18.17 -13.11 16.71
C GLU A 16 17.28 -14.08 15.95
N PRO A 19 11.50 -12.97 17.33
CA PRO A 19 10.55 -11.85 17.26
C PRO A 19 11.24 -10.51 17.45
N GLY A 20 10.52 -9.44 17.17
CA GLY A 20 11.06 -8.11 17.33
C GLY A 20 12.14 -7.80 16.31
N LEU A 21 12.66 -6.59 16.42
CA LEU A 21 13.75 -6.12 15.58
C LEU A 21 14.71 -5.33 16.47
N THR A 22 16.00 -5.53 16.27
CA THR A 22 17.02 -4.86 17.05
C THR A 22 17.62 -3.72 16.26
N LEU A 23 17.91 -2.62 16.94
CA LEU A 23 18.68 -1.52 16.38
C LEU A 23 20.14 -1.95 16.37
N THR A 24 20.59 -2.45 15.22
CA THR A 24 21.93 -2.97 15.08
C THR A 24 22.81 -1.92 14.39
N ARG A 25 23.96 -2.35 13.87
CA ARG A 25 24.86 -1.49 13.10
C ARG A 25 25.56 -2.37 12.08
N VAL A 26 25.48 -1.97 10.80
CA VAL A 26 25.88 -2.82 9.68
C VAL A 26 26.62 -1.96 8.65
N LYS A 27 27.45 -2.63 7.84
CA LYS A 27 28.17 -1.95 6.76
C LYS A 27 27.22 -1.41 5.71
N LYS A 28 27.65 -0.32 5.05
CA LYS A 28 26.89 0.27 3.98
C LYS A 28 26.80 -0.69 2.80
N PRO A 29 25.85 -0.49 1.89
CA PRO A 29 25.72 -1.40 0.75
C PRO A 29 26.66 -1.02 -0.37
N GLU A 30 26.88 -1.98 -1.26
CA GLU A 30 27.67 -1.74 -2.46
C GLU A 30 26.79 -1.10 -3.53
N VAL A 31 27.44 -0.33 -4.40
CA VAL A 31 26.75 0.39 -5.47
C VAL A 31 27.21 -0.21 -6.79
N GLY A 32 26.31 -0.93 -7.47
CA GLY A 32 26.59 -1.43 -8.79
C GLY A 32 26.53 -0.35 -9.85
N HIS A 33 26.83 -0.74 -11.09
CA HIS A 33 26.87 0.20 -12.20
C HIS A 33 25.51 0.83 -12.45
N ASN A 34 24.43 0.16 -12.10
CA ASN A 34 23.10 0.69 -12.35
C ASN A 34 22.34 0.95 -11.06
N ASP A 35 23.04 1.04 -9.94
CA ASP A 35 22.38 1.28 -8.66
C ASP A 35 22.43 2.76 -8.26
N VAL A 36 21.39 3.18 -7.54
CA VAL A 36 21.44 4.44 -6.79
C VAL A 36 21.65 4.11 -5.32
N LEU A 37 22.36 4.98 -4.62
CA LEU A 37 22.53 4.86 -3.18
C LEU A 37 21.69 5.93 -2.52
N ILE A 38 20.73 5.49 -1.70
CA ILE A 38 19.73 6.38 -1.12
C ILE A 38 20.01 6.54 0.36
N LYS A 39 20.14 7.77 0.81
CA LYS A 39 20.24 8.06 2.24
C LYS A 39 18.82 8.20 2.76
N ILE A 40 18.40 7.27 3.61
CA ILE A 40 17.00 7.15 4.00
C ILE A 40 16.59 8.33 4.88
N ARG A 41 15.40 8.88 4.63
CA ARG A 41 14.84 9.93 5.47
C ARG A 41 13.66 9.44 6.30
N ARG A 42 12.64 8.84 5.69
CA ARG A 42 11.51 8.30 6.44
C ARG A 42 11.21 6.89 5.95
N THR A 43 10.72 6.05 6.86
CA THR A 43 10.23 4.72 6.50
C THR A 43 8.90 4.45 7.17
N ALA A 44 7.96 3.89 6.42
CA ALA A 44 6.70 3.48 7.01
C ALA A 44 6.75 2.01 7.39
N ILE A 45 5.94 1.65 8.38
CA ILE A 45 5.81 0.24 8.79
C ILE A 45 4.67 -0.37 7.99
N CYS A 46 4.98 -1.43 7.26
CA CYS A 46 4.02 -2.08 6.37
C CYS A 46 3.46 -3.34 7.02
N GLY A 47 2.40 -3.88 6.39
CA GLY A 47 1.81 -5.11 6.89
C GLY A 47 2.74 -6.30 6.80
N THR A 48 3.61 -6.32 5.80
CA THR A 48 4.66 -7.33 5.74
C THR A 48 5.62 -7.20 6.92
N ASP A 49 5.87 -5.97 7.36
CA ASP A 49 6.84 -5.73 8.43
C ASP A 49 6.37 -6.32 9.76
N ILE A 50 5.07 -6.22 10.07
CA ILE A 50 4.62 -6.77 11.34
C ILE A 50 4.71 -8.29 11.34
N HIS A 51 4.60 -8.93 10.18
CA HIS A 51 4.81 -10.37 10.08
C HIS A 51 6.24 -10.75 10.46
N ILE A 52 7.21 -9.95 10.03
CA ILE A 52 8.62 -10.19 10.38
C ILE A 52 8.85 -9.92 11.86
N TRP A 53 8.33 -8.79 12.35
CA TRP A 53 8.40 -8.48 13.78
C TRP A 53 7.84 -9.62 14.62
N LYS A 54 6.76 -10.24 14.16
CA LYS A 54 6.12 -11.32 14.90
C LYS A 54 6.95 -12.61 14.89
N TRP A 55 7.93 -12.73 13.98
CA TRP A 55 8.66 -13.97 13.75
C TRP A 55 7.68 -15.09 13.41
N ASP A 56 6.72 -14.77 12.55
CA ASP A 56 5.52 -15.57 12.34
C ASP A 56 5.69 -16.66 11.30
N ASP A 57 4.68 -16.83 10.45
CA ASP A 57 4.62 -17.94 9.50
C ASP A 57 5.71 -17.85 8.44
N TRP A 58 5.55 -16.92 7.50
CA TRP A 58 6.55 -16.75 6.45
C TRP A 58 7.83 -16.14 7.00
N ALA A 59 7.77 -15.47 8.16
CA ALA A 59 8.96 -14.82 8.70
C ALA A 59 10.04 -15.83 9.03
N GLN A 60 9.66 -16.93 9.68
CA GLN A 60 10.61 -18.01 9.98
C GLN A 60 11.08 -18.72 8.73
N LYS A 61 10.38 -18.55 7.60
CA LYS A 61 10.70 -19.29 6.39
C LYS A 61 11.54 -18.52 5.37
N THR A 62 11.61 -17.19 5.43
CA THR A 62 12.22 -16.44 4.32
C THR A 62 13.32 -15.45 4.70
N ILE A 63 13.32 -14.95 5.92
CA ILE A 63 14.25 -13.85 6.25
C ILE A 63 15.66 -14.41 6.39
N PRO A 64 16.66 -13.84 5.72
CA PRO A 64 18.02 -14.42 5.78
C PRO A 64 18.62 -14.54 7.17
N VAL A 65 18.59 -13.47 7.96
CA VAL A 65 19.15 -13.47 9.31
C VAL A 65 20.64 -13.84 9.28
N MET A 67 19.89 -9.54 9.10
CA MET A 67 19.47 -8.67 7.99
C MET A 67 18.42 -7.62 8.40
N HIS A 68 18.60 -6.38 7.97
CA HIS A 68 17.62 -5.35 8.24
C HIS A 68 16.47 -5.42 7.23
N VAL A 69 15.26 -5.08 7.70
CA VAL A 69 14.05 -5.26 6.92
C VAL A 69 13.49 -3.90 6.48
N GLY A 70 12.25 -3.88 6.01
CA GLY A 70 11.57 -2.65 5.63
C GLY A 70 11.66 -2.37 4.14
N HIS A 71 10.61 -1.70 3.61
CA HIS A 71 10.57 -1.41 2.18
C HIS A 71 9.69 -0.23 1.77
N GLU A 72 9.11 0.50 2.72
CA GLU A 72 8.31 1.68 2.42
C GLU A 72 9.11 2.89 2.89
N TYR A 73 9.63 3.68 1.94
CA TYR A 73 10.71 4.60 2.28
C TYR A 73 10.69 5.82 1.36
N VAL A 74 11.39 6.85 1.82
CA VAL A 74 11.81 7.95 0.97
C VAL A 74 13.20 8.36 1.44
N GLY A 75 14.00 8.83 0.50
CA GLY A 75 15.35 9.27 0.81
C GLY A 75 15.89 10.10 -0.32
N GLU A 76 17.14 10.53 -0.17
CA GLU A 76 17.82 11.37 -1.15
C GLU A 76 19.00 10.62 -1.73
N ILE A 77 19.16 10.69 -3.04
CA ILE A 77 20.27 10.00 -3.70
C ILE A 77 21.58 10.68 -3.32
N VAL A 78 22.53 9.90 -2.80
CA VAL A 78 23.86 10.41 -2.44
C VAL A 78 24.97 9.91 -3.35
N GLU A 79 24.71 8.90 -4.18
CA GLU A 79 25.69 8.27 -5.04
C GLU A 79 24.93 7.41 -6.05
N MET A 80 25.53 7.20 -7.23
CA MET A 80 24.95 6.32 -8.22
C MET A 80 26.06 5.70 -9.05
N GLY A 81 25.75 4.54 -9.64
CA GLY A 81 26.68 3.90 -10.55
C GLY A 81 26.82 4.64 -11.86
N GLN A 82 27.89 4.32 -12.58
CA GLN A 82 28.27 5.07 -13.77
C GLN A 82 27.35 4.83 -14.96
N GLU A 83 26.40 3.90 -14.87
CA GLU A 83 25.46 3.68 -15.96
C GLU A 83 24.07 4.20 -15.64
N VAL A 84 23.86 4.77 -14.45
CA VAL A 84 22.55 5.27 -14.07
C VAL A 84 22.21 6.48 -14.91
N ARG A 85 20.98 6.50 -15.44
CA ARG A 85 20.53 7.57 -16.31
C ARG A 85 19.38 8.32 -15.62
N GLY A 86 19.30 9.63 -15.88
CA GLY A 86 18.14 10.40 -15.47
C GLY A 86 18.05 10.80 -14.01
N PHE A 87 19.14 10.77 -13.24
CA PHE A 87 19.09 11.15 -11.84
C PHE A 87 20.26 12.05 -11.49
N SER A 88 20.00 13.01 -10.59
CA SER A 88 21.00 13.87 -9.99
C SER A 88 21.27 13.42 -8.57
N ILE A 89 22.54 13.52 -8.15
CA ILE A 89 22.84 13.49 -6.73
C ILE A 89 21.93 14.50 -6.02
N GLY A 90 21.28 14.06 -4.96
CA GLY A 90 20.39 14.92 -4.21
C GLY A 90 18.91 14.77 -4.54
N ASP A 91 18.57 14.10 -5.64
CA ASP A 91 17.16 13.84 -5.93
C ASP A 91 16.50 13.07 -4.79
N ARG A 92 15.30 13.50 -4.43
CA ARG A 92 14.48 12.74 -3.48
C ARG A 92 13.76 11.63 -4.23
N VAL A 93 13.83 10.40 -3.71
CA VAL A 93 13.18 9.28 -4.39
C VAL A 93 12.47 8.40 -3.38
N SER A 94 11.36 7.82 -3.83
CA SER A 94 10.84 6.63 -3.19
C SER A 94 11.11 5.49 -4.16
N GLY A 95 10.43 4.37 -3.99
CA GLY A 95 10.72 3.23 -4.85
C GLY A 95 9.80 2.07 -4.51
N GLU A 96 9.89 1.04 -5.34
CA GLU A 96 9.03 -0.12 -5.23
C GLU A 96 9.52 -1.08 -4.14
N GLY A 97 8.62 -1.99 -3.74
CA GLY A 97 8.98 -2.99 -2.75
C GLY A 97 9.85 -4.11 -3.28
N HIS A 98 9.82 -4.38 -4.58
CA HIS A 98 10.59 -5.46 -5.18
C HIS A 98 11.50 -4.91 -6.28
N ILE A 99 12.79 -5.21 -6.16
CA ILE A 99 13.73 -4.84 -7.20
C ILE A 99 13.85 -6.00 -8.19
N THR A 100 13.98 -5.66 -9.45
CA THR A 100 13.93 -6.62 -10.56
C THR A 100 15.24 -6.51 -11.35
N CYS A 101 15.34 -7.31 -12.42
CA CYS A 101 16.59 -7.38 -13.16
C CYS A 101 16.80 -6.18 -14.07
N GLY A 102 15.74 -5.66 -14.69
CA GLY A 102 15.83 -4.42 -15.43
C GLY A 102 16.19 -4.56 -16.88
N PHE A 103 16.58 -5.74 -17.34
CA PHE A 103 16.99 -5.91 -18.72
C PHE A 103 16.22 -7.00 -19.46
N CYS A 104 15.41 -7.80 -18.77
CA CYS A 104 14.55 -8.76 -19.45
C CYS A 104 13.55 -8.00 -20.31
N ARG A 105 12.91 -8.74 -21.24
CA ARG A 105 11.86 -8.13 -22.05
C ARG A 105 10.79 -7.48 -21.16
N ASN A 106 10.37 -8.19 -20.09
CA ASN A 106 9.33 -7.68 -19.22
C ASN A 106 9.79 -6.48 -18.40
N CYS A 107 11.04 -6.49 -17.91
CA CYS A 107 11.52 -5.30 -17.21
C CYS A 107 11.60 -4.09 -18.14
N ARG A 108 12.11 -4.31 -19.37
CA ARG A 108 12.30 -3.19 -20.31
C ARG A 108 10.99 -2.51 -20.68
N ALA A 109 9.86 -3.22 -20.65
CA ALA A 109 8.56 -2.65 -20.97
C ALA A 109 7.78 -2.18 -19.74
N GLY A 110 8.42 -2.06 -18.59
CA GLY A 110 7.78 -1.56 -17.39
C GLY A 110 6.97 -2.58 -16.59
N ARG A 111 6.82 -3.80 -17.09
CA ARG A 111 6.08 -4.84 -16.37
C ARG A 111 7.03 -5.64 -15.47
N ARG A 112 7.62 -4.91 -14.51
CA ARG A 112 8.55 -5.53 -13.57
C ARG A 112 7.86 -6.50 -12.62
N HIS A 113 6.53 -6.43 -12.49
CA HIS A 113 5.81 -7.49 -11.79
C HIS A 113 5.94 -8.81 -12.52
N LEU A 114 6.38 -8.80 -13.77
CA LEU A 114 6.53 -10.01 -14.57
C LEU A 114 7.98 -10.49 -14.66
N CYS A 115 8.94 -9.71 -14.18
CA CYS A 115 10.33 -10.14 -14.21
C CYS A 115 10.51 -11.45 -13.46
N ARG A 116 11.29 -12.37 -14.05
CA ARG A 116 11.49 -13.69 -13.45
C ARG A 116 12.50 -13.69 -12.31
N ASN A 117 13.14 -12.54 -11.99
CA ASN A 117 14.17 -12.45 -10.95
C ASN A 117 13.90 -11.22 -10.08
N THR A 118 12.82 -11.27 -9.30
CA THR A 118 12.47 -10.21 -8.38
C THR A 118 12.90 -10.60 -6.97
N VAL A 119 13.45 -9.64 -6.24
CA VAL A 119 13.83 -9.82 -4.84
C VAL A 119 13.08 -8.79 -4.02
N GLY A 120 12.58 -9.21 -2.86
CA GLY A 120 11.86 -8.31 -1.99
C GLY A 120 12.77 -7.48 -1.11
N VAL A 121 12.64 -6.15 -1.22
CA VAL A 121 13.36 -5.25 -0.33
C VAL A 121 12.94 -5.50 1.11
N GLY A 122 13.91 -5.70 1.99
CA GLY A 122 13.61 -6.00 3.37
C GLY A 122 13.02 -7.37 3.62
N VAL A 123 13.07 -8.27 2.64
CA VAL A 123 12.51 -9.61 2.74
C VAL A 123 13.55 -10.62 2.27
N ASN A 124 13.88 -10.55 0.98
CA ASN A 124 14.91 -11.39 0.37
C ASN A 124 16.29 -10.75 0.41
N ARG A 125 16.37 -9.46 0.67
CA ARG A 125 17.62 -8.71 0.61
C ARG A 125 17.52 -7.54 1.57
N GLU A 126 18.65 -6.83 1.73
CA GLU A 126 18.71 -5.70 2.65
C GLU A 126 17.57 -4.72 2.39
N GLY A 127 17.00 -4.20 3.47
CA GLY A 127 15.79 -3.39 3.41
C GLY A 127 16.03 -1.91 3.65
N ALA A 128 14.92 -1.20 3.81
CA ALA A 128 14.94 0.26 3.92
C ALA A 128 15.09 0.75 5.35
N PHE A 129 15.03 -0.12 6.35
CA PHE A 129 15.26 0.26 7.74
C PHE A 129 16.76 0.37 8.04
N ALA A 130 17.43 1.24 7.28
CA ALA A 130 18.85 1.49 7.49
C ALA A 130 19.17 2.89 6.97
N GLU A 131 20.32 3.43 7.39
CA GLU A 131 20.68 4.79 6.99
C GLU A 131 20.80 4.93 5.48
N TYR A 132 21.23 3.87 4.80
CA TYR A 132 21.48 3.89 3.37
C TYR A 132 20.85 2.67 2.72
N LEU A 133 20.33 2.87 1.51
CA LEU A 133 19.64 1.83 0.76
C LEU A 133 20.10 1.89 -0.69
N ALA A 134 20.62 0.79 -1.19
CA ALA A 134 21.03 0.68 -2.59
C ALA A 134 20.00 -0.13 -3.34
N ILE A 135 19.49 0.41 -4.43
CA ILE A 135 18.54 -0.27 -5.31
C ILE A 135 18.83 0.11 -6.76
N PRO A 136 18.36 -0.70 -7.70
CA PRO A 136 18.54 -0.34 -9.11
C PRO A 136 17.77 0.92 -9.48
N ALA A 137 18.41 1.76 -10.31
CA ALA A 137 17.83 3.04 -10.70
C ALA A 137 16.43 2.87 -11.28
N PHE A 138 16.19 1.80 -12.04
CA PHE A 138 14.87 1.66 -12.65
C PHE A 138 13.79 1.30 -11.63
N ASN A 139 14.14 0.95 -10.40
CA ASN A 139 13.15 0.76 -9.34
C ASN A 139 12.95 2.01 -8.47
N ALA A 140 13.58 3.13 -8.82
CA ALA A 140 13.47 4.37 -8.07
C ALA A 140 12.52 5.34 -8.78
N PHE A 141 11.85 6.19 -8.00
CA PHE A 141 10.85 7.12 -8.53
C PHE A 141 11.06 8.48 -7.88
N LYS A 142 11.27 9.50 -8.71
CA LYS A 142 11.59 10.84 -8.22
CA LYS A 142 11.59 10.84 -8.21
C LYS A 142 10.35 11.51 -7.63
N ILE A 143 10.50 12.11 -6.46
CA ILE A 143 9.43 12.81 -5.76
C ILE A 143 9.58 14.30 -6.00
N PRO A 144 8.53 15.00 -6.46
CA PRO A 144 8.65 16.44 -6.67
C PRO A 144 8.62 17.19 -5.34
N PRO A 145 9.22 18.39 -5.29
CA PRO A 145 9.39 19.08 -4.00
C PRO A 145 8.08 19.48 -3.33
N GLU A 146 6.97 19.58 -4.06
CA GLU A 146 5.71 19.94 -3.41
C GLU A 146 5.09 18.78 -2.63
N ILE A 147 5.65 17.57 -2.69
CA ILE A 147 5.14 16.42 -1.95
C ILE A 147 6.06 16.16 -0.76
N SER A 148 5.47 16.09 0.44
CA SER A 148 6.25 15.92 1.67
C SER A 148 6.93 14.55 1.71
N ASP A 149 7.92 14.44 2.60
CA ASP A 149 8.61 13.16 2.81
C ASP A 149 7.65 12.10 3.38
N ASP A 150 6.77 12.50 4.30
CA ASP A 150 5.86 11.53 4.92
C ASP A 150 4.95 10.89 3.89
N LEU A 151 4.43 11.69 2.94
CA LEU A 151 3.60 11.12 1.89
C LEU A 151 4.43 10.26 0.94
N ALA A 152 5.61 10.74 0.56
CA ALA A 152 6.50 9.93 -0.29
C ALA A 152 6.75 8.56 0.32
N ALA A 153 6.94 8.50 1.64
CA ALA A 153 7.24 7.22 2.29
C ALA A 153 6.12 6.20 2.14
N ILE A 154 4.90 6.63 1.83
CA ILE A 154 3.80 5.69 1.68
C ILE A 154 3.37 5.57 0.22
N PHE A 155 4.25 5.96 -0.72
CA PHE A 155 3.86 5.86 -2.13
C PHE A 155 3.54 4.43 -2.53
N ASP A 156 4.20 3.44 -1.92
CA ASP A 156 3.95 2.08 -2.38
C ASP A 156 2.54 1.60 -2.04
N PRO A 157 2.04 1.73 -0.80
CA PRO A 157 0.62 1.37 -0.57
C PRO A 157 -0.35 2.31 -1.27
N PHE A 158 0.00 3.59 -1.41
CA PHE A 158 -0.81 4.54 -2.18
C PHE A 158 -0.97 4.07 -3.62
N GLY A 159 0.11 3.52 -4.21
CA GLY A 159 0.01 2.94 -5.54
C GLY A 159 -0.98 1.79 -5.62
N ASN A 160 -1.02 0.94 -4.60
CA ASN A 160 -2.00 -0.16 -4.60
C ASN A 160 -3.41 0.39 -4.51
N ALA A 161 -3.62 1.41 -3.67
CA ALA A 161 -4.94 2.02 -3.55
C ALA A 161 -5.36 2.65 -4.87
N THR A 162 -4.42 3.32 -5.54
CA THR A 162 -4.70 3.97 -6.82
C THR A 162 -4.99 2.94 -7.91
N HIS A 163 -4.13 1.93 -8.03
CA HIS A 163 -4.38 0.81 -8.94
C HIS A 163 -5.78 0.23 -8.75
N THR A 164 -6.20 0.03 -7.48
CA THR A 164 -7.53 -0.51 -7.22
C THR A 164 -8.63 0.51 -7.55
N ALA A 165 -8.50 1.73 -7.03
CA ALA A 165 -9.62 2.67 -7.08
C ALA A 165 -9.81 3.30 -8.45
N LEU A 166 -8.77 3.41 -9.27
CA LEU A 166 -8.90 3.95 -10.61
C LEU A 166 -9.16 2.87 -11.64
N SER A 167 -9.37 1.62 -11.21
CA SER A 167 -9.61 0.56 -12.19
C SER A 167 -10.86 0.83 -13.01
N PHE A 168 -11.88 1.43 -12.39
CA PHE A 168 -13.13 1.74 -13.06
C PHE A 168 -13.42 3.23 -12.96
N ASN A 169 -14.23 3.71 -13.89
CA ASN A 169 -14.78 5.06 -13.83
C ASN A 169 -15.72 5.17 -12.63
N LEU A 170 -15.50 6.17 -11.78
CA LEU A 170 -16.32 6.32 -10.57
C LEU A 170 -17.24 7.53 -10.61
N VAL A 171 -17.29 8.25 -11.73
CA VAL A 171 -18.01 9.52 -11.74
C VAL A 171 -19.49 9.31 -11.45
N GLY A 172 -19.94 9.83 -10.31
CA GLY A 172 -21.33 9.73 -9.89
C GLY A 172 -21.74 8.35 -9.46
N GLU A 173 -20.78 7.46 -9.26
CA GLU A 173 -21.03 6.07 -8.91
C GLU A 173 -21.01 5.88 -7.39
N ASP A 174 -21.77 4.89 -6.93
CA ASP A 174 -21.76 4.51 -5.51
C ASP A 174 -20.74 3.40 -5.32
N VAL A 175 -19.84 3.57 -4.35
CA VAL A 175 -18.68 2.69 -4.20
C VAL A 175 -18.72 2.05 -2.81
N LEU A 176 -18.57 0.73 -2.78
CA LEU A 176 -18.41 -0.04 -1.55
C LEU A 176 -16.96 -0.52 -1.43
N ILE A 177 -16.33 -0.23 -0.30
CA ILE A 177 -14.97 -0.67 0.00
C ILE A 177 -15.04 -1.59 1.21
N THR A 178 -14.53 -2.82 1.06
CA THR A 178 -14.49 -3.73 2.20
C THR A 178 -13.06 -3.82 2.72
N GLY A 179 -12.85 -3.37 3.96
CA GLY A 179 -11.52 -3.33 4.57
C GLY A 179 -11.04 -1.90 4.78
N ALA A 180 -10.88 -1.49 6.03
CA ALA A 180 -10.42 -0.15 6.36
C ALA A 180 -8.98 -0.14 6.86
N GLY A 181 -8.14 -1.05 6.37
CA GLY A 181 -6.71 -0.91 6.48
C GLY A 181 -6.28 0.34 5.74
N PRO A 182 -5.00 0.69 5.86
CA PRO A 182 -4.50 1.91 5.19
C PRO A 182 -4.83 2.03 3.72
N ILE A 183 -4.75 0.93 2.97
CA ILE A 183 -5.01 0.98 1.54
C ILE A 183 -6.49 1.26 1.28
N GLY A 184 -7.38 0.58 2.01
CA GLY A 184 -8.79 0.90 1.92
C GLY A 184 -9.11 2.33 2.28
N VAL A 185 -8.45 2.88 3.31
CA VAL A 185 -8.73 4.25 3.72
C VAL A 185 -8.28 5.25 2.65
N MET A 186 -7.12 4.99 2.03
CA MET A 186 -6.68 5.84 0.92
C MET A 186 -7.63 5.73 -0.28
N ALA A 187 -8.17 4.54 -0.55
CA ALA A 187 -9.13 4.38 -1.64
C ALA A 187 -10.39 5.22 -1.42
N VAL A 188 -10.83 5.39 -0.16
CA VAL A 188 -11.94 6.30 0.14
C VAL A 188 -11.64 7.70 -0.38
N ALA A 189 -10.48 8.25 0.00
CA ALA A 189 -10.12 9.61 -0.39
C ALA A 189 -9.96 9.73 -1.89
N ILE A 190 -9.35 8.73 -2.52
CA ILE A 190 -9.23 8.74 -3.98
C ILE A 190 -10.61 8.75 -4.64
N ALA A 191 -11.50 7.84 -4.20
CA ALA A 191 -12.83 7.73 -4.80
C ALA A 191 -13.57 9.07 -4.75
N LYS A 192 -13.53 9.77 -3.62
CA LYS A 192 -14.22 11.06 -3.58
C LYS A 192 -13.52 12.07 -4.47
N HIS A 193 -12.19 12.03 -4.52
CA HIS A 193 -11.44 12.97 -5.36
C HIS A 193 -11.84 12.84 -6.83
N VAL A 194 -12.11 11.62 -7.29
CA VAL A 194 -12.39 11.38 -8.71
C VAL A 194 -13.89 11.24 -8.98
N GLY A 195 -14.73 11.78 -8.11
CA GLY A 195 -16.13 12.03 -8.45
C GLY A 195 -17.16 11.01 -7.98
N ALA A 196 -16.79 10.10 -7.08
CA ALA A 196 -17.76 9.13 -6.59
C ALA A 196 -18.88 9.82 -5.81
N ARG A 197 -20.07 9.20 -5.83
CA ARG A 197 -21.19 9.70 -5.03
C ARG A 197 -21.09 9.13 -3.63
N ASN A 198 -21.84 8.07 -3.32
CA ASN A 198 -21.75 7.46 -2.00
C ASN A 198 -20.52 6.58 -1.93
N VAL A 199 -19.71 6.79 -0.91
CA VAL A 199 -18.57 5.91 -0.64
C VAL A 199 -18.78 5.32 0.74
N VAL A 200 -19.03 4.02 0.80
CA VAL A 200 -19.31 3.27 2.01
C VAL A 200 -18.16 2.30 2.22
N ILE A 201 -17.56 2.32 3.42
CA ILE A 201 -16.49 1.39 3.76
C ILE A 201 -16.90 0.56 4.97
N THR A 202 -16.55 -0.73 4.96
CA THR A 202 -16.88 -1.62 6.06
C THR A 202 -15.61 -2.20 6.67
N ASP A 203 -15.71 -2.52 7.96
CA ASP A 203 -14.66 -3.18 8.74
C ASP A 203 -15.31 -3.59 10.06
N ILE A 204 -14.49 -4.05 11.00
CA ILE A 204 -14.91 -4.34 12.36
C ILE A 204 -14.13 -3.53 13.37
N ASN A 205 -13.33 -2.57 12.91
CA ASN A 205 -12.46 -1.78 13.76
C ASN A 205 -12.97 -0.35 13.78
N ASP A 206 -13.43 0.10 14.96
CA ASP A 206 -14.01 1.44 15.05
C ASP A 206 -12.96 2.52 14.81
N TYR A 207 -11.72 2.31 15.26
CA TYR A 207 -10.69 3.32 15.04
C TYR A 207 -10.41 3.50 13.56
N ARG A 208 -10.18 2.39 12.84
CA ARG A 208 -9.88 2.50 11.42
CA ARG A 208 -9.90 2.46 11.41
C ARG A 208 -11.04 3.13 10.66
N LEU A 209 -12.28 2.80 11.02
CA LEU A 209 -13.43 3.36 10.34
C LEU A 209 -13.55 4.86 10.59
N ASP A 210 -13.26 5.30 11.81
CA ASP A 210 -13.30 6.73 12.12
C ASP A 210 -12.29 7.50 11.28
N LEU A 211 -11.10 6.91 11.07
CA LEU A 211 -10.15 7.50 10.15
C LEU A 211 -10.72 7.58 8.73
N ALA A 212 -11.41 6.52 8.29
CA ALA A 212 -12.02 6.54 6.96
C ALA A 212 -13.05 7.64 6.84
N ARG A 213 -13.87 7.84 7.88
CA ARG A 213 -14.83 8.93 7.89
C ARG A 213 -14.14 10.28 7.75
N ARG A 214 -13.07 10.50 8.52
CA ARG A 214 -12.31 11.73 8.38
C ARG A 214 -11.71 11.89 7.00
N MET A 215 -11.49 10.80 6.27
CA MET A 215 -10.97 10.93 4.92
C MET A 215 -12.07 10.95 3.87
N GLY A 216 -13.31 11.21 4.28
CA GLY A 216 -14.39 11.48 3.36
C GLY A 216 -15.41 10.37 3.14
N ALA A 217 -15.37 9.27 3.89
CA ALA A 217 -16.33 8.20 3.63
C ALA A 217 -17.74 8.70 3.92
N THR A 218 -18.68 8.40 3.02
CA THR A 218 -20.09 8.73 3.27
C THR A 218 -20.59 8.03 4.54
N ARG A 219 -20.36 6.73 4.64
CA ARG A 219 -20.59 5.96 5.85
C ARG A 219 -19.40 5.02 6.06
N ALA A 220 -18.96 4.88 7.31
CA ALA A 220 -17.95 3.91 7.70
C ALA A 220 -18.61 2.95 8.67
N VAL A 221 -18.84 1.73 8.22
CA VAL A 221 -19.81 0.82 8.83
C VAL A 221 -19.04 -0.30 9.54
N ASN A 222 -19.18 -0.35 10.87
CA ASN A 222 -18.72 -1.51 11.65
C ASN A 222 -19.78 -2.60 11.52
N VAL A 223 -19.48 -3.61 10.68
CA VAL A 223 -20.50 -4.60 10.33
C VAL A 223 -20.75 -5.61 11.44
N SER A 224 -20.03 -5.52 12.55
CA SER A 224 -20.42 -6.27 13.73
C SER A 224 -21.33 -5.46 14.65
N ARG A 225 -21.58 -4.19 14.34
CA ARG A 225 -22.42 -3.33 15.16
C ARG A 225 -23.62 -2.78 14.39
N GLU A 226 -23.63 -2.90 13.08
CA GLU A 226 -24.54 -2.14 12.23
C GLU A 226 -24.68 -2.91 10.92
N SER A 227 -25.88 -2.88 10.36
CA SER A 227 -26.23 -3.67 9.18
C SER A 227 -25.95 -2.90 7.89
N LEU A 228 -25.12 -3.46 7.01
CA LEU A 228 -24.86 -2.79 5.74
C LEU A 228 -26.15 -2.57 4.95
N ARG A 229 -27.04 -3.58 4.93
CA ARG A 229 -28.32 -3.42 4.26
C ARG A 229 -29.11 -2.24 4.80
N ASP A 230 -29.19 -2.09 6.13
CA ASP A 230 -29.83 -0.91 6.71
C ASP A 230 -29.21 0.37 6.18
N VAL A 231 -27.87 0.40 6.09
CA VAL A 231 -27.17 1.59 5.63
C VAL A 231 -27.58 1.95 4.22
N MET A 232 -27.69 0.95 3.36
CA MET A 232 -28.05 1.20 1.97
C MET A 232 -29.48 1.72 1.85
N ALA A 233 -30.40 1.19 2.66
CA ALA A 233 -31.77 1.70 2.68
C ALA A 233 -31.80 3.13 3.22
N ASP A 234 -30.95 3.44 4.21
CA ASP A 234 -30.82 4.82 4.69
C ASP A 234 -30.39 5.78 3.58
N LEU A 235 -29.53 5.33 2.67
CA LEU A 235 -29.01 6.16 1.59
C LEU A 235 -29.80 6.04 0.29
N HIS A 236 -30.95 5.37 0.30
CA HIS A 236 -31.79 5.24 -0.88
C HIS A 236 -31.07 4.59 -2.05
N MET A 237 -30.34 3.52 -1.78
CA MET A 237 -29.63 2.78 -2.82
C MET A 237 -29.83 1.28 -2.62
N THR A 238 -31.09 0.87 -2.51
CA THR A 238 -31.40 -0.54 -2.31
C THR A 238 -31.01 -1.39 -3.52
N GLU A 239 -30.91 -0.79 -4.71
CA GLU A 239 -30.50 -1.51 -5.92
C GLU A 239 -29.08 -2.07 -5.82
N GLY A 240 -28.20 -1.41 -5.07
CA GLY A 240 -26.87 -1.92 -4.81
C GLY A 240 -25.79 -0.96 -5.29
N PHE A 241 -24.55 -1.33 -5.03
CA PHE A 241 -23.42 -0.48 -5.39
C PHE A 241 -23.02 -0.65 -6.85
N ASP A 242 -22.48 0.42 -7.44
CA ASP A 242 -21.94 0.34 -8.80
C ASP A 242 -20.55 -0.26 -8.84
N VAL A 243 -19.72 0.03 -7.83
CA VAL A 243 -18.33 -0.41 -7.80
C VAL A 243 -18.04 -0.93 -6.41
N GLY A 244 -17.37 -2.07 -6.34
CA GLY A 244 -16.91 -2.63 -5.09
C GLY A 244 -15.41 -2.87 -5.13
N LEU A 245 -14.70 -2.37 -4.15
CA LEU A 245 -13.26 -2.58 -4.02
C LEU A 245 -13.05 -3.49 -2.81
N GLU A 246 -12.61 -4.72 -3.05
CA GLU A 246 -12.35 -5.67 -1.96
C GLU A 246 -10.89 -5.52 -1.54
N MET A 247 -10.67 -4.98 -0.33
CA MET A 247 -9.34 -4.71 0.18
C MET A 247 -8.87 -5.68 1.26
N SER A 248 -9.77 -6.48 1.81
CA SER A 248 -9.45 -7.16 3.07
C SER A 248 -8.96 -8.59 2.89
N GLY A 249 -9.42 -9.30 1.87
CA GLY A 249 -9.13 -10.71 1.78
C GLY A 249 -9.96 -11.60 2.69
N VAL A 250 -10.89 -11.03 3.46
CA VAL A 250 -11.74 -11.79 4.37
C VAL A 250 -12.95 -12.37 3.61
N PRO A 251 -13.19 -13.68 3.68
CA PRO A 251 -14.27 -14.26 2.84
C PRO A 251 -15.65 -13.66 3.08
N SER A 252 -16.04 -13.42 4.34
CA SER A 252 -17.35 -12.81 4.60
C SER A 252 -17.45 -11.42 4.01
N ALA A 253 -16.34 -10.66 4.02
CA ALA A 253 -16.35 -9.34 3.38
C ALA A 253 -16.58 -9.46 1.88
N PHE A 254 -15.83 -10.37 1.22
CA PHE A 254 -16.02 -10.61 -0.21
C PHE A 254 -17.45 -11.03 -0.53
N THR A 255 -17.99 -11.97 0.25
CA THR A 255 -19.36 -12.44 0.08
C THR A 255 -20.36 -11.29 0.18
N SER A 256 -20.21 -10.47 1.21
CA SER A 256 -21.12 -9.35 1.39
C SER A 256 -20.97 -8.33 0.28
N LEU A 257 -19.75 -8.13 -0.23
CA LEU A 257 -19.56 -7.19 -1.33
C LEU A 257 -20.28 -7.65 -2.60
N LEU A 258 -20.10 -8.93 -2.98
CA LEU A 258 -20.78 -9.46 -4.16
C LEU A 258 -22.29 -9.37 -4.00
N GLU A 259 -22.82 -9.70 -2.82
CA GLU A 259 -24.27 -9.61 -2.59
C GLU A 259 -24.78 -8.17 -2.73
N SER A 260 -23.91 -7.18 -2.51
CA SER A 260 -24.33 -5.79 -2.45
C SER A 260 -24.17 -5.05 -3.78
N MET A 261 -23.62 -5.71 -4.81
CA MET A 261 -23.44 -5.08 -6.11
C MET A 261 -24.77 -5.02 -6.84
N ASN A 262 -24.97 -3.95 -7.61
CA ASN A 262 -26.13 -3.92 -8.50
C ASN A 262 -25.81 -4.65 -9.81
N HIS A 263 -26.81 -4.76 -10.67
CA HIS A 263 -26.62 -5.37 -11.99
C HIS A 263 -25.64 -4.54 -12.82
N GLY A 264 -24.69 -5.22 -13.47
CA GLY A 264 -23.60 -4.50 -14.13
C GLY A 264 -22.56 -3.94 -13.19
N GLY A 265 -22.59 -4.30 -11.91
CA GLY A 265 -21.57 -3.82 -10.99
C GLY A 265 -20.18 -4.26 -11.40
N LYS A 266 -19.20 -3.47 -10.95
CA LYS A 266 -17.78 -3.72 -11.24
C LYS A 266 -17.03 -3.90 -9.93
N VAL A 267 -16.17 -4.91 -9.87
CA VAL A 267 -15.50 -5.31 -8.64
C VAL A 267 -14.00 -5.35 -8.90
N ALA A 268 -13.22 -4.68 -8.05
CA ALA A 268 -11.76 -4.78 -8.05
C ALA A 268 -11.32 -5.61 -6.86
N LEU A 269 -10.57 -6.70 -7.11
CA LEU A 269 -10.16 -7.64 -6.09
C LEU A 269 -8.68 -7.41 -5.78
N LEU A 270 -8.39 -6.71 -4.69
CA LEU A 270 -7.04 -6.49 -4.20
C LEU A 270 -6.68 -7.47 -3.08
N GLY A 271 -7.54 -7.60 -2.07
CA GLY A 271 -7.29 -8.56 -1.01
C GLY A 271 -7.31 -9.99 -1.53
N ILE A 272 -6.45 -10.82 -0.96
CA ILE A 272 -6.17 -12.17 -1.47
C ILE A 272 -6.95 -13.18 -0.62
N PRO A 273 -7.94 -13.87 -1.17
CA PRO A 273 -8.75 -14.81 -0.36
C PRO A 273 -7.94 -16.03 0.07
N PRO A 274 -8.35 -16.69 1.16
CA PRO A 274 -7.77 -17.99 1.49
C PRO A 274 -8.08 -19.02 0.40
N ALA A 275 -7.31 -20.11 0.41
CA ALA A 275 -7.28 -21.07 -0.70
C ALA A 275 -8.67 -21.63 -1.03
N GLN A 276 -9.40 -22.08 -0.02
CA GLN A 276 -10.68 -22.76 -0.28
C GLN A 276 -11.87 -21.84 -0.15
N THR A 277 -11.76 -20.63 -0.69
CA THR A 277 -12.86 -19.68 -0.64
C THR A 277 -13.84 -19.99 -1.77
N ALA A 278 -15.04 -20.39 -1.39
CA ALA A 278 -16.14 -20.57 -2.33
C ALA A 278 -16.96 -19.31 -2.36
N ILE A 279 -17.41 -18.92 -3.56
CA ILE A 279 -18.25 -17.76 -3.71
C ILE A 279 -19.53 -18.21 -4.40
N ASP A 280 -20.54 -17.35 -4.32
CA ASP A 280 -21.81 -17.58 -4.99
C ASP A 280 -21.68 -17.00 -6.40
N TRP A 281 -21.33 -17.86 -7.36
CA TRP A 281 -21.17 -17.40 -8.74
C TRP A 281 -22.50 -16.99 -9.38
N ASN A 282 -23.63 -17.35 -8.76
CA ASN A 282 -24.90 -16.79 -9.21
C ASN A 282 -24.93 -15.27 -9.06
N GLN A 283 -24.26 -14.74 -8.03
CA GLN A 283 -24.15 -13.28 -7.92
C GLN A 283 -23.42 -12.72 -9.14
N VAL A 284 -22.34 -13.37 -9.54
CA VAL A 284 -21.52 -12.87 -10.64
C VAL A 284 -22.29 -12.96 -11.95
N ILE A 285 -22.92 -14.10 -12.21
CA ILE A 285 -23.48 -14.36 -13.54
C ILE A 285 -24.82 -13.65 -13.72
N PHE A 286 -25.76 -13.85 -12.79
CA PHE A 286 -27.08 -13.24 -12.94
CA PHE A 286 -27.08 -13.24 -12.94
C PHE A 286 -27.01 -11.72 -12.93
N LYS A 287 -26.07 -11.15 -12.17
CA LYS A 287 -25.92 -9.70 -12.19
C LYS A 287 -24.94 -9.21 -13.25
N GLY A 288 -24.36 -10.11 -14.03
CA GLY A 288 -23.37 -9.67 -15.03
C GLY A 288 -22.21 -8.88 -14.45
N LEU A 289 -21.72 -9.29 -13.28
CA LEU A 289 -20.66 -8.53 -12.65
C LEU A 289 -19.34 -8.66 -13.43
N GLU A 290 -18.53 -7.62 -13.35
CA GLU A 290 -17.18 -7.61 -13.89
C GLU A 290 -16.23 -7.62 -12.70
N ILE A 291 -15.36 -8.63 -12.63
CA ILE A 291 -14.41 -8.78 -11.54
C ILE A 291 -13.00 -8.71 -12.10
N LYS A 292 -12.18 -7.83 -11.53
CA LYS A 292 -10.83 -7.58 -12.02
C LYS A 292 -9.84 -7.83 -10.89
N GLY A 293 -8.88 -8.74 -11.12
CA GLY A 293 -7.83 -8.96 -10.13
C GLY A 293 -6.81 -7.83 -10.19
N ILE A 294 -6.46 -7.28 -9.03
CA ILE A 294 -5.50 -6.18 -8.93
C ILE A 294 -4.19 -6.78 -8.42
N TYR A 295 -3.22 -6.97 -9.30
CA TYR A 295 -1.99 -7.63 -8.90
C TYR A 295 -1.19 -6.72 -7.97
N GLY A 296 -0.34 -7.36 -7.16
CA GLY A 296 0.26 -6.66 -6.03
C GLY A 296 1.22 -5.56 -6.41
N ARG A 297 1.89 -5.69 -7.57
CA ARG A 297 3.04 -4.85 -7.90
C ARG A 297 2.67 -3.95 -9.08
N GLU A 298 2.01 -2.83 -8.78
CA GLU A 298 1.54 -1.90 -9.80
C GLU A 298 2.71 -1.28 -10.55
N MET A 299 2.41 -0.76 -11.74
CA MET A 299 3.41 -0.16 -12.63
C MET A 299 3.55 1.34 -12.35
N PHE A 300 4.69 1.91 -12.74
CA PHE A 300 4.94 3.32 -12.44
C PHE A 300 3.97 4.27 -13.12
N GLU A 301 3.24 3.83 -14.15
CA GLU A 301 2.19 4.68 -14.70
C GLU A 301 1.17 5.04 -13.62
N THR A 302 0.90 4.10 -12.69
CA THR A 302 0.06 4.40 -11.54
C THR A 302 0.69 5.52 -10.70
N TRP A 303 2.00 5.46 -10.46
CA TRP A 303 2.60 6.45 -9.59
C TRP A 303 2.57 7.85 -10.20
N TYR A 304 2.61 7.95 -11.53
CA TYR A 304 2.50 9.27 -12.13
C TYR A 304 1.10 9.87 -11.93
N LYS A 305 0.07 9.03 -11.98
CA LYS A 305 -1.29 9.50 -11.65
C LYS A 305 -1.41 9.89 -10.18
N MET A 306 -0.76 9.11 -9.30
CA MET A 306 -0.69 9.45 -7.88
C MET A 306 -0.15 10.86 -7.66
N VAL A 307 1.02 11.14 -8.24
CA VAL A 307 1.60 12.47 -8.11
C VAL A 307 0.61 13.53 -8.60
N ALA A 308 -0.02 13.28 -9.74
CA ALA A 308 -0.93 14.27 -10.31
C ALA A 308 -2.11 14.53 -9.38
N MET A 309 -2.65 13.48 -8.75
CA MET A 309 -3.76 13.68 -7.81
C MET A 309 -3.32 14.48 -6.59
N LEU A 310 -2.12 14.20 -6.08
CA LEU A 310 -1.64 14.96 -4.94
C LEU A 310 -1.43 16.42 -5.32
N GLN A 311 -0.93 16.66 -6.54
CA GLN A 311 -0.77 18.02 -7.05
C GLN A 311 -2.09 18.74 -7.27
N SER A 312 -3.22 18.01 -7.29
CA SER A 312 -4.56 18.59 -7.48
C SER A 312 -5.33 18.73 -6.18
N GLY A 313 -4.71 18.50 -5.03
CA GLY A 313 -5.39 18.70 -3.77
C GLY A 313 -6.00 17.48 -3.14
N LEU A 314 -5.72 16.27 -3.64
CA LEU A 314 -6.08 15.07 -2.89
C LEU A 314 -5.32 15.10 -1.56
N ASP A 315 -6.05 14.94 -0.46
CA ASP A 315 -5.48 15.09 0.89
C ASP A 315 -5.33 13.73 1.56
N LEU A 316 -4.13 13.18 1.52
CA LEU A 316 -3.82 11.93 2.19
C LEU A 316 -3.29 12.12 3.61
N SER A 317 -3.03 13.35 4.04
CA SER A 317 -2.34 13.59 5.31
C SER A 317 -2.97 12.90 6.52
N PRO A 318 -4.29 12.86 6.72
CA PRO A 318 -4.84 12.14 7.89
C PRO A 318 -4.41 10.67 7.98
N ILE A 319 -3.95 10.05 6.89
CA ILE A 319 -3.58 8.64 6.94
C ILE A 319 -2.37 8.41 7.84
N ILE A 320 -1.54 9.43 8.06
CA ILE A 320 -0.37 9.33 8.93
C ILE A 320 -0.84 9.59 10.36
N THR A 321 -0.93 8.54 11.17
CA THR A 321 -1.43 8.69 12.53
C THR A 321 -0.33 8.77 13.58
N HIS A 322 0.82 8.15 13.34
CA HIS A 322 1.91 8.18 14.31
C HIS A 322 3.22 8.45 13.58
N ARG A 323 4.08 9.24 14.23
CA ARG A 323 5.44 9.51 13.77
C ARG A 323 6.36 9.25 14.94
N PHE A 324 7.46 8.54 14.70
CA PHE A 324 8.43 8.26 15.74
C PHE A 324 9.84 8.37 15.16
N ALA A 325 10.79 8.75 16.01
CA ALA A 325 12.18 8.63 15.62
C ALA A 325 12.54 7.15 15.50
N VAL A 326 13.60 6.87 14.74
CA VAL A 326 14.00 5.49 14.53
C VAL A 326 14.50 4.86 15.82
N ASP A 327 15.11 5.64 16.71
CA ASP A 327 15.51 5.11 18.01
C ASP A 327 14.29 4.62 18.81
N ASP A 328 13.15 5.29 18.64
CA ASP A 328 11.91 4.89 19.32
C ASP A 328 11.05 3.96 18.48
N TYR A 329 11.67 3.16 17.61
CA TYR A 329 10.92 2.29 16.72
C TYR A 329 10.02 1.32 17.48
N GLU A 330 10.36 1.00 18.72
CA GLU A 330 9.54 0.08 19.50
C GLU A 330 8.11 0.60 19.62
N LYS A 331 7.94 1.90 19.87
CA LYS A 331 6.60 2.47 19.99
C LYS A 331 5.85 2.42 18.66
N GLY A 332 6.55 2.55 17.53
CA GLY A 332 5.88 2.50 16.25
C GLY A 332 5.29 1.15 15.94
N PHE A 333 6.04 0.08 16.24
CA PHE A 333 5.48 -1.25 16.04
C PHE A 333 4.36 -1.55 17.03
N ALA A 334 4.45 -1.00 18.25
CA ALA A 334 3.36 -1.13 19.21
C ALA A 334 2.06 -0.53 18.66
N ALA A 335 2.15 0.70 18.14
CA ALA A 335 0.97 1.36 17.60
C ALA A 335 0.39 0.58 16.42
N MET A 336 1.26 0.16 15.51
CA MET A 336 0.81 -0.65 14.38
C MET A 336 0.07 -1.90 14.86
N LEU A 337 0.57 -2.51 15.94
CA LEU A 337 0.05 -3.79 16.40
C LEU A 337 -1.34 -3.65 17.02
N SER A 338 -1.58 -2.57 17.78
CA SER A 338 -2.88 -2.35 18.39
C SER A 338 -4.01 -2.42 17.38
N GLY A 339 -3.71 -2.16 16.10
CA GLY A 339 -4.76 -2.00 15.11
C GLY A 339 -5.42 -0.65 15.14
N GLU A 340 -5.10 0.18 16.13
CA GLU A 340 -5.60 1.55 16.23
C GLU A 340 -4.56 2.53 15.64
N SER A 341 -4.29 2.38 14.35
CA SER A 341 -3.37 3.29 13.68
C SER A 341 -3.70 3.35 12.20
N GLY A 342 -3.27 4.45 11.56
CA GLY A 342 -3.17 4.47 10.13
C GLY A 342 -1.76 4.04 9.75
N LYS A 343 -1.07 4.81 8.91
CA LYS A 343 0.33 4.49 8.65
C LYS A 343 1.21 5.07 9.74
N VAL A 344 2.29 4.35 10.05
CA VAL A 344 3.24 4.74 11.07
C VAL A 344 4.58 5.02 10.40
N ILE A 345 5.15 6.19 10.68
CA ILE A 345 6.37 6.67 10.02
C ILE A 345 7.51 6.65 11.01
N LEU A 346 8.63 6.06 10.62
CA LEU A 346 9.89 6.18 11.36
C LEU A 346 10.77 7.21 10.67
N ASP A 347 11.35 8.09 11.49
CA ASP A 347 12.16 9.20 11.03
C ASP A 347 13.63 8.88 11.29
N TRP A 348 14.48 9.13 10.29
CA TRP A 348 15.89 8.78 10.37
C TRP A 348 16.83 9.98 10.37
N ALA A 349 16.29 11.21 10.36
CA ALA A 349 17.08 12.44 10.25
C ALA A 349 18.40 12.45 11.05
ZN ZN B . 13.50 -8.43 -15.41
CA CA C . 2.53 -0.92 -4.20
CA CA D . -25.90 3.76 -9.24
#